data_6FIC
#
_entry.id   6FIC
#
_cell.length_a   113.573
_cell.length_b   113.573
_cell.length_c   72.592
_cell.angle_alpha   90.00
_cell.angle_beta   90.00
_cell.angle_gamma   120.00
#
_symmetry.space_group_name_H-M   'P 32 2 1'
#
loop_
_entity.id
_entity.type
_entity.pdbx_description
1 polymer 'Transcription initiation factor TFIID subunit 1'
2 non-polymer 3-azanyl-2-[3-[2-[2-[2-[2-[2-[2-[2-[2-[2-[2-[2-[2-[2-[2-[2-[2-[2-[[3-azanyl-1-[[2-[[3-methyl-6-[4-methyl-3-(methylsulfonyl-$l^{2}-azanyl)cyclohexa-1,3,5-trien-1-yl]-[1,2,4]triazolo[4,3-b]pyridazin-8-yl]-$l^{2}-azanyl]-2-oxidanylidene-ethyl]amino]-1-oxidanylidene-propan-2-yl]amino]-2-oxidanylidene-ethoxy]ethoxy]ethoxy]ethoxy]ethoxy]ethoxy]ethoxy]ethoxy]ethoxy]ethoxy]ethoxy]ethoxy]ethoxy]ethoxy]ethoxy]ethoxy]ethoxy]propanoylamino]-~{N}-[3-[[3-methyl-6-[4-methyl-3-(methylsulfonylamino)phenyl]-[1,2,4]triazolo[4,3-b]pyridazin-8-yl]amino]-3-oxidanylidene-propyl]propanamide
3 water water
#
_entity_poly.entity_id   1
_entity_poly.type   'polypeptide(L)'
_entity_poly.pdbx_seq_one_letter_code
;GTTVHCDYLNRPHKSIHRRRTDPMVTLSSILESIINDMRDLPNTYPFHTPVNAKVVKDYYKIITRPMDLQTLRENVRKRL
YPSREEFREHLELIVKNSATYNGPKHSLTQISQSMLDLCDEKLKEKEDKLARLEKAINPLLDDDDQVAFSFILDNIVTQK
MMAVPDSWPFHHPVNKKFVPDYYKVIVNPMDLETIRKNISKHKYQSRESFLDDVNLILANSVKYNGPESQYTKTAQEIVN
VCYQTLTEYDEHLTQLEKDICTAKEAALEEAELESLDPMT
;
_entity_poly.pdbx_strand_id   T
#
# COMPACT_ATOMS: atom_id res chain seq x y z
N ARG A 19 13.39 -11.10 13.67
CA ARG A 19 13.66 -12.29 12.78
C ARG A 19 13.89 -11.79 11.35
N ARG A 20 12.87 -11.16 10.73
CA ARG A 20 12.93 -10.59 9.32
C ARG A 20 13.09 -9.02 9.34
N THR A 21 13.73 -8.46 8.32
CA THR A 21 13.88 -6.99 8.23
C THR A 21 12.58 -6.27 7.78
N ASP A 22 12.36 -5.13 8.40
CA ASP A 22 11.15 -4.36 8.15
C ASP A 22 11.50 -3.37 7.02
N PRO A 23 10.77 -3.46 5.90
CA PRO A 23 11.25 -2.73 4.76
C PRO A 23 11.02 -1.22 4.89
N MET A 24 9.93 -0.81 5.55
CA MET A 24 9.72 0.64 5.78
C MET A 24 10.74 1.26 6.78
N VAL A 25 11.07 0.51 7.82
CA VAL A 25 12.16 0.84 8.74
C VAL A 25 13.49 1.06 7.99
N THR A 26 13.75 0.21 7.01
CA THR A 26 14.92 0.30 6.22
C THR A 26 14.83 1.43 5.21
N LEU A 27 13.75 1.54 4.47
CA LEU A 27 13.66 2.62 3.46
C LEU A 27 13.82 4.00 4.10
N SER A 28 13.15 4.18 5.22
CA SER A 28 13.11 5.44 5.89
C SER A 28 14.50 5.84 6.32
N SER A 29 15.31 4.86 6.75
CA SER A 29 16.70 5.13 7.12
C SER A 29 17.53 5.56 5.97
N ILE A 30 17.40 4.86 4.86
CA ILE A 30 18.11 5.25 3.62
C ILE A 30 17.69 6.70 3.19
N LEU A 31 16.39 6.97 3.17
CA LEU A 31 15.90 8.31 2.83
C LEU A 31 16.41 9.37 3.78
N GLU A 32 16.38 9.12 5.08
CA GLU A 32 16.84 10.09 6.03
C GLU A 32 18.32 10.33 5.83
N SER A 33 19.10 9.30 5.51
CA SER A 33 20.55 9.53 5.33
C SER A 33 20.79 10.36 4.06
N ILE A 34 19.98 10.21 3.04
CA ILE A 34 20.05 11.12 1.90
C ILE A 34 19.74 12.59 2.33
N ILE A 35 18.79 12.77 3.24
CA ILE A 35 18.49 14.09 3.75
C ILE A 35 19.69 14.65 4.48
N ASN A 36 20.31 13.81 5.31
CA ASN A 36 21.53 14.17 6.03
C ASN A 36 22.62 14.67 5.07
N ASP A 37 22.87 13.96 3.97
CA ASP A 37 23.88 14.36 3.00
C ASP A 37 23.51 15.68 2.27
N MET A 38 22.24 15.87 1.93
CA MET A 38 21.82 17.09 1.26
C MET A 38 21.97 18.28 2.19
N ARG A 39 21.58 18.09 3.44
CA ARG A 39 21.69 19.12 4.44
C ARG A 39 23.18 19.56 4.65
N ASP A 40 24.12 18.63 4.52
CA ASP A 40 25.56 18.91 4.65
C ASP A 40 26.17 19.69 3.48
N LEU A 41 25.48 19.79 2.35
CA LEU A 41 25.97 20.52 1.17
C LEU A 41 26.07 22.03 1.44
N PRO A 42 27.10 22.67 0.86
CA PRO A 42 27.36 24.07 1.22
C PRO A 42 26.19 24.97 0.81
N ASN A 43 25.88 25.95 1.68
CA ASN A 43 24.88 27.02 1.42
C ASN A 43 23.47 26.56 1.33
N THR A 44 23.18 25.37 1.90
CA THR A 44 21.81 24.85 1.79
C THR A 44 20.87 25.25 2.94
N TYR A 45 21.38 25.89 4.00
CA TYR A 45 20.54 26.30 5.16
C TYR A 45 19.21 26.94 4.88
N PRO A 46 19.04 27.69 3.75
CA PRO A 46 17.67 28.25 3.56
C PRO A 46 16.60 27.20 3.34
N PHE A 47 17.02 26.02 2.92
CA PHE A 47 16.10 24.92 2.66
C PHE A 47 16.01 23.96 3.82
N HIS A 48 16.77 24.18 4.91
CA HIS A 48 16.75 23.23 6.05
C HIS A 48 15.42 23.17 6.77
N THR A 49 14.72 24.29 6.93
CA THR A 49 13.51 24.35 7.76
C THR A 49 12.44 25.09 6.96
N PRO A 50 11.20 25.02 7.39
CA PRO A 50 10.19 25.79 6.72
C PRO A 50 10.51 27.30 6.64
N VAL A 51 10.06 27.96 5.59
CA VAL A 51 10.28 29.35 5.45
C VAL A 51 9.68 30.07 6.67
N ASN A 52 10.44 30.97 7.25
CA ASN A 52 9.90 31.96 8.20
C ASN A 52 9.56 33.23 7.34
N ALA A 53 8.30 33.54 7.27
CA ALA A 53 7.76 34.60 6.43
C ALA A 53 8.22 35.97 6.89
N LYS A 54 8.68 36.09 8.14
CA LYS A 54 9.25 37.39 8.62
C LYS A 54 10.58 37.70 8.06
N VAL A 55 11.23 36.68 7.47
CA VAL A 55 12.54 36.86 6.87
C VAL A 55 12.52 36.65 5.37
N VAL A 56 11.47 36.04 4.85
CA VAL A 56 11.35 35.78 3.42
C VAL A 56 9.97 36.33 3.01
N LYS A 57 10.03 37.55 2.50
CA LYS A 57 8.84 38.41 2.36
C LYS A 57 7.81 37.82 1.37
N ASP A 58 6.61 37.65 1.87
CA ASP A 58 5.44 37.21 1.14
C ASP A 58 5.55 35.79 0.62
N TYR A 59 6.46 34.99 1.20
CA TYR A 59 6.75 33.70 0.71
C TYR A 59 5.51 32.90 0.56
N TYR A 60 4.67 32.87 1.58
CA TYR A 60 3.52 31.97 1.53
C TYR A 60 2.35 32.47 0.63
N LYS A 61 2.43 33.72 0.18
CA LYS A 61 1.41 34.23 -0.75
C LYS A 61 1.75 33.81 -2.15
N ILE A 62 3.04 33.74 -2.38
CA ILE A 62 3.58 33.33 -3.63
C ILE A 62 3.64 31.78 -3.82
N ILE A 63 4.01 31.03 -2.77
CA ILE A 63 4.21 29.57 -2.88
C ILE A 63 3.06 28.82 -2.29
N THR A 64 2.32 28.11 -3.11
CA THR A 64 1.13 27.35 -2.67
C THR A 64 1.47 26.02 -1.90
N ARG A 65 2.55 25.32 -2.29
CA ARG A 65 2.89 23.97 -1.69
C ARG A 65 4.32 24.04 -1.22
N PRO A 66 4.56 24.70 -0.09
CA PRO A 66 5.96 24.83 0.42
C PRO A 66 6.53 23.46 0.81
N MET A 67 7.84 23.32 0.73
CA MET A 67 8.52 22.09 1.16
C MET A 67 9.92 22.50 1.58
N ASP A 68 10.46 21.75 2.54
CA ASP A 68 11.81 21.97 3.06
C ASP A 68 12.30 20.63 3.66
N LEU A 69 13.58 20.55 3.97
CA LEU A 69 14.18 19.26 4.35
C LEU A 69 13.72 18.76 5.69
N GLN A 70 13.36 19.63 6.62
CA GLN A 70 12.86 19.16 7.95
C GLN A 70 11.45 18.56 7.76
N THR A 71 10.62 19.22 6.97
CA THR A 71 9.28 18.73 6.71
C THR A 71 9.40 17.41 5.93
N LEU A 72 10.35 17.35 5.00
CA LEU A 72 10.57 16.16 4.24
C LEU A 72 10.94 14.96 5.14
N ARG A 73 11.82 15.20 6.09
CA ARG A 73 12.23 14.22 7.08
C ARG A 73 11.01 13.83 7.93
N GLU A 74 10.18 14.80 8.37
CA GLU A 74 9.00 14.44 9.17
C GLU A 74 8.07 13.54 8.37
N ASN A 75 7.98 13.81 7.08
CA ASN A 75 7.17 13.02 6.19
C ASN A 75 7.72 11.57 6.06
N VAL A 76 9.03 11.43 5.99
CA VAL A 76 9.63 10.11 6.01
C VAL A 76 9.20 9.36 7.31
N ARG A 77 9.27 10.05 8.42
CA ARG A 77 9.02 9.44 9.69
C ARG A 77 7.52 9.13 9.90
N LYS A 78 6.66 9.83 9.17
CA LYS A 78 5.23 9.50 9.14
C LYS A 78 4.93 8.41 8.17
N ARG A 79 5.94 7.81 7.54
CA ARG A 79 5.71 6.70 6.62
C ARG A 79 5.00 7.19 5.40
N LEU A 80 5.19 8.46 5.04
CA LEU A 80 4.44 9.02 3.88
C LEU A 80 5.01 8.56 2.55
N TYR A 81 6.28 8.13 2.51
CA TYR A 81 6.92 7.78 1.25
C TYR A 81 7.19 6.25 1.13
N PRO A 82 6.34 5.53 0.39
CA PRO A 82 6.58 4.06 0.24
C PRO A 82 7.62 3.72 -0.79
N SER A 83 8.11 4.74 -1.51
CA SER A 83 9.09 4.53 -2.53
C SER A 83 9.86 5.78 -2.75
N ARG A 84 10.86 5.65 -3.58
CA ARG A 84 11.72 6.74 -3.80
C ARG A 84 11.05 7.85 -4.59
N GLU A 85 9.99 7.55 -5.31
CA GLU A 85 9.38 8.51 -6.25
C GLU A 85 8.61 9.58 -5.50
N GLU A 86 7.84 9.21 -4.48
CA GLU A 86 7.05 10.21 -3.73
C GLU A 86 8.05 11.08 -2.98
N PHE A 87 9.16 10.49 -2.54
CA PHE A 87 10.17 11.25 -1.84
C PHE A 87 10.78 12.28 -2.75
N ARG A 88 11.21 11.81 -3.91
CA ARG A 88 11.86 12.66 -4.89
C ARG A 88 10.94 13.78 -5.36
N GLU A 89 9.66 13.49 -5.45
CA GLU A 89 8.69 14.50 -5.83
C GLU A 89 8.73 15.68 -4.90
N HIS A 90 8.67 15.39 -3.59
CA HIS A 90 8.68 16.47 -2.63
C HIS A 90 10.00 17.18 -2.64
N LEU A 91 11.08 16.44 -2.83
CA LEU A 91 12.38 17.10 -2.88
C LEU A 91 12.46 18.09 -4.06
N GLU A 92 11.96 17.66 -5.18
CA GLU A 92 12.01 18.46 -6.38
C GLU A 92 11.11 19.71 -6.22
N LEU A 93 10.08 19.58 -5.43
CA LEU A 93 9.23 20.73 -5.12
C LEU A 93 10.01 21.82 -4.43
N ILE A 94 11.07 21.48 -3.70
CA ILE A 94 11.93 22.47 -3.07
C ILE A 94 12.59 23.30 -4.18
N VAL A 95 13.03 22.61 -5.19
CA VAL A 95 13.65 23.24 -6.32
C VAL A 95 12.68 24.10 -7.14
N LYS A 96 11.51 23.56 -7.45
CA LYS A 96 10.44 24.27 -8.15
C LYS A 96 10.07 25.52 -7.44
N ASN A 97 9.90 25.40 -6.13
CA ASN A 97 9.50 26.54 -5.33
C ASN A 97 10.59 27.60 -5.33
N SER A 98 11.84 27.23 -5.34
CA SER A 98 12.86 28.23 -5.42
C SER A 98 12.86 28.87 -6.81
N ALA A 99 12.64 28.08 -7.87
CA ALA A 99 12.53 28.61 -9.22
C ALA A 99 11.41 29.64 -9.31
N THR A 100 10.23 29.35 -8.78
CA THR A 100 9.13 30.29 -8.76
C THR A 100 9.40 31.54 -7.92
N TYR A 101 9.98 31.38 -6.73
CA TYR A 101 10.07 32.55 -5.87
C TYR A 101 11.27 33.41 -6.23
N ASN A 102 12.41 32.83 -6.46
CA ASN A 102 13.63 33.57 -6.68
C ASN A 102 14.04 33.69 -8.17
N GLY A 103 13.48 32.83 -9.04
CA GLY A 103 13.89 32.66 -10.47
C GLY A 103 14.69 31.38 -10.81
N PRO A 104 14.57 30.87 -12.07
CA PRO A 104 15.18 29.57 -12.39
C PRO A 104 16.69 29.52 -12.35
N LYS A 105 17.35 30.68 -12.55
CA LYS A 105 18.85 30.76 -12.54
C LYS A 105 19.35 31.48 -11.27
N HIS A 106 18.47 31.79 -10.33
CA HIS A 106 18.95 32.33 -9.05
C HIS A 106 19.89 31.35 -8.33
N SER A 107 20.86 31.92 -7.68
CA SER A 107 21.83 31.21 -6.88
C SER A 107 21.15 30.16 -5.92
N LEU A 108 20.03 30.53 -5.33
CA LEU A 108 19.36 29.64 -4.40
C LEU A 108 18.78 28.46 -5.14
N THR A 109 18.29 28.69 -6.35
CA THR A 109 17.77 27.59 -7.18
C THR A 109 18.82 26.58 -7.60
N GLN A 110 20.02 27.05 -7.89
CA GLN A 110 21.14 26.15 -8.19
C GLN A 110 21.57 25.33 -6.96
N ILE A 111 21.57 25.96 -5.80
CA ILE A 111 21.84 25.27 -4.53
C ILE A 111 20.80 24.14 -4.25
N SER A 112 19.52 24.45 -4.39
CA SER A 112 18.49 23.49 -4.24
C SER A 112 18.65 22.37 -5.28
N GLN A 113 18.98 22.72 -6.52
CA GLN A 113 19.25 21.74 -7.55
C GLN A 113 20.43 20.83 -7.16
N SER A 114 21.46 21.38 -6.53
CA SER A 114 22.56 20.57 -6.07
C SER A 114 22.10 19.51 -5.06
N MET A 115 21.06 19.78 -4.26
CA MET A 115 20.50 18.79 -3.32
C MET A 115 19.83 17.64 -4.11
N LEU A 116 19.05 18.02 -5.08
CA LEU A 116 18.34 17.08 -5.90
C LEU A 116 19.32 16.20 -6.72
N ASP A 117 20.39 16.81 -7.25
CA ASP A 117 21.44 16.04 -7.93
C ASP A 117 22.13 15.07 -6.98
N LEU A 118 22.44 15.47 -5.76
CA LEU A 118 23.06 14.51 -4.85
C LEU A 118 22.06 13.38 -4.51
N CYS A 119 20.81 13.73 -4.30
CA CYS A 119 19.79 12.72 -4.08
C CYS A 119 19.79 11.71 -5.26
N ASP A 120 19.77 12.19 -6.50
CA ASP A 120 19.75 11.31 -7.69
C ASP A 120 20.94 10.34 -7.71
N GLU A 121 22.13 10.81 -7.37
CA GLU A 121 23.31 9.96 -7.22
C GLU A 121 23.09 8.92 -6.20
N LYS A 122 22.59 9.29 -5.02
CA LYS A 122 22.44 8.34 -3.93
C LYS A 122 21.41 7.26 -4.29
N LEU A 123 20.30 7.67 -4.89
CA LEU A 123 19.28 6.75 -5.38
C LEU A 123 19.87 5.76 -6.43
N LYS A 124 20.57 6.25 -7.47
CA LYS A 124 21.25 5.39 -8.48
C LYS A 124 22.17 4.34 -7.79
N GLU A 125 23.05 4.76 -6.88
CA GLU A 125 23.91 3.83 -6.16
C GLU A 125 23.16 2.70 -5.46
N LYS A 126 21.93 2.92 -5.01
CA LYS A 126 21.21 1.90 -4.23
C LYS A 126 19.97 1.37 -4.92
N GLU A 127 19.87 1.69 -6.21
CA GLU A 127 18.77 1.34 -7.12
C GLU A 127 18.17 -0.03 -6.77
N ASP A 128 19.05 -1.03 -6.73
CA ASP A 128 18.60 -2.43 -6.63
C ASP A 128 18.01 -2.68 -5.24
N LYS A 129 18.67 -2.19 -4.20
CA LYS A 129 18.15 -2.34 -2.83
C LYS A 129 16.76 -1.61 -2.70
N LEU A 130 16.67 -0.43 -3.30
CA LEU A 130 15.46 0.32 -3.24
C LEU A 130 14.34 -0.46 -3.93
N ALA A 131 14.64 -1.03 -5.11
CA ALA A 131 13.63 -1.82 -5.84
C ALA A 131 13.11 -2.98 -5.00
N ARG A 132 13.99 -3.70 -4.30
CA ARG A 132 13.49 -4.77 -3.38
C ARG A 132 12.63 -4.23 -2.26
N LEU A 133 13.03 -3.08 -1.71
CA LEU A 133 12.27 -2.55 -0.61
C LEU A 133 10.91 -2.12 -1.12
N GLU A 134 10.87 -1.43 -2.25
CA GLU A 134 9.61 -0.86 -2.73
C GLU A 134 8.62 -1.99 -3.03
N LYS A 135 9.13 -3.12 -3.55
CA LYS A 135 8.30 -4.32 -3.84
C LYS A 135 7.78 -4.98 -2.61
N ALA A 136 8.63 -5.05 -1.56
CA ALA A 136 8.18 -5.58 -0.26
C ALA A 136 7.14 -4.67 0.40
N ILE A 137 7.33 -3.35 0.32
CA ILE A 137 6.37 -2.41 0.85
C ILE A 137 5.07 -2.44 0.03
N ASN A 138 5.15 -2.57 -1.29
CA ASN A 138 3.97 -2.59 -2.13
C ASN A 138 4.08 -3.76 -3.12
N PRO A 139 3.48 -4.91 -2.75
CA PRO A 139 3.60 -6.08 -3.62
C PRO A 139 2.97 -5.95 -4.99
N LEU A 140 2.15 -4.92 -5.23
CA LEU A 140 1.72 -4.64 -6.65
C LEU A 140 2.85 -4.34 -7.58
N LEU A 141 4.01 -3.91 -7.05
CA LEU A 141 5.18 -3.69 -7.86
C LEU A 141 5.97 -4.96 -8.09
N ASP A 142 5.63 -6.07 -7.43
CA ASP A 142 6.46 -7.26 -7.49
C ASP A 142 6.47 -7.82 -8.96
N ASP A 143 7.62 -8.24 -9.48
CA ASP A 143 7.74 -8.86 -10.81
C ASP A 143 6.97 -10.22 -10.83
N ASP A 144 6.91 -10.89 -9.66
CA ASP A 144 6.16 -12.13 -9.42
C ASP A 144 4.65 -11.86 -9.37
N ASP A 145 4.00 -12.20 -10.47
CA ASP A 145 2.62 -11.92 -10.67
C ASP A 145 1.74 -12.64 -9.65
N GLN A 146 2.07 -13.86 -9.26
CA GLN A 146 1.32 -14.56 -8.21
C GLN A 146 1.32 -13.77 -6.86
N VAL A 147 2.48 -13.17 -6.52
CA VAL A 147 2.62 -12.35 -5.34
C VAL A 147 1.68 -11.17 -5.45
N ALA A 148 1.69 -10.46 -6.56
CA ALA A 148 0.78 -9.31 -6.68
C ALA A 148 -0.70 -9.71 -6.57
N PHE A 149 -1.04 -10.79 -7.25
CA PHE A 149 -2.43 -11.30 -7.33
C PHE A 149 -2.94 -11.69 -5.94
N SER A 150 -2.14 -12.48 -5.24
CA SER A 150 -2.47 -12.83 -3.88
C SER A 150 -2.65 -11.61 -2.96
N PHE A 151 -1.75 -10.62 -3.06
CA PHE A 151 -1.85 -9.40 -2.28
C PHE A 151 -3.17 -8.69 -2.54
N ILE A 152 -3.58 -8.63 -3.79
CA ILE A 152 -4.86 -8.04 -4.06
C ILE A 152 -6.01 -8.76 -3.39
N LEU A 153 -6.04 -10.08 -3.57
CA LEU A 153 -7.08 -10.93 -2.96
C LEU A 153 -7.09 -10.76 -1.45
N ASP A 154 -5.91 -10.75 -0.84
CA ASP A 154 -5.83 -10.51 0.62
C ASP A 154 -6.46 -9.20 1.08
N ASN A 155 -6.23 -8.15 0.28
CA ASN A 155 -6.86 -6.84 0.57
C ASN A 155 -8.34 -6.87 0.37
N ILE A 156 -8.81 -7.59 -0.64
CA ILE A 156 -10.25 -7.68 -0.76
C ILE A 156 -10.87 -8.30 0.50
N VAL A 157 -10.27 -9.40 0.97
CA VAL A 157 -10.74 -10.06 2.19
C VAL A 157 -10.66 -9.14 3.42
N THR A 158 -9.50 -8.51 3.66
CA THR A 158 -9.31 -7.73 4.95
C THR A 158 -9.97 -6.40 4.87
N GLN A 159 -9.85 -5.70 3.75
CA GLN A 159 -10.41 -4.33 3.66
C GLN A 159 -11.88 -4.32 3.29
N LYS A 160 -12.41 -5.36 2.61
CA LYS A 160 -13.82 -5.33 2.20
C LYS A 160 -14.68 -6.37 2.85
N MET A 161 -14.32 -7.63 2.66
CA MET A 161 -15.18 -8.72 3.16
C MET A 161 -15.31 -8.69 4.71
N MET A 162 -14.19 -8.45 5.39
CA MET A 162 -14.13 -8.51 6.85
C MET A 162 -14.75 -7.24 7.46
N ALA A 163 -14.85 -6.17 6.65
CA ALA A 163 -15.51 -4.92 7.05
C ALA A 163 -17.00 -5.01 6.93
N VAL A 164 -17.56 -6.01 6.28
CA VAL A 164 -19.00 -6.07 6.23
C VAL A 164 -19.60 -6.09 7.65
N PRO A 165 -20.60 -5.21 7.92
CA PRO A 165 -21.20 -5.30 9.26
C PRO A 165 -21.82 -6.67 9.55
N ASP A 166 -21.67 -7.09 10.82
CA ASP A 166 -22.27 -8.32 11.34
C ASP A 166 -21.49 -9.58 10.89
N SER A 167 -20.33 -9.41 10.28
CA SER A 167 -19.63 -10.52 9.67
C SER A 167 -18.77 -11.38 10.66
N TRP A 168 -18.73 -11.02 11.97
CA TRP A 168 -17.74 -11.62 12.89
C TRP A 168 -17.80 -13.15 12.85
N PRO A 169 -18.99 -13.76 12.79
CA PRO A 169 -18.99 -15.24 12.84
C PRO A 169 -18.39 -15.94 11.60
N PHE A 170 -18.22 -15.17 10.54
CA PHE A 170 -17.61 -15.66 9.34
C PHE A 170 -16.16 -15.46 9.33
N HIS A 171 -15.61 -14.76 10.32
CA HIS A 171 -14.15 -14.50 10.30
C HIS A 171 -13.29 -15.69 10.67
N HIS A 172 -13.86 -16.68 11.37
CA HIS A 172 -13.16 -17.91 11.79
C HIS A 172 -14.02 -19.13 11.59
N PRO A 173 -13.38 -20.33 11.62
CA PRO A 173 -14.17 -21.51 11.44
C PRO A 173 -15.24 -21.57 12.50
N VAL A 174 -16.37 -22.17 12.16
CA VAL A 174 -17.40 -22.35 13.15
C VAL A 174 -16.87 -23.20 14.32
N ASN A 175 -17.15 -22.77 15.54
CA ASN A 175 -16.68 -23.48 16.74
C ASN A 175 -17.73 -24.46 17.17
N LYS A 176 -17.43 -25.76 17.17
CA LYS A 176 -18.47 -26.77 17.49
C LYS A 176 -18.89 -26.71 18.97
N LYS A 177 -18.06 -26.08 19.80
CA LYS A 177 -18.47 -25.83 21.20
C LYS A 177 -19.67 -24.92 21.30
N PHE A 178 -19.78 -24.02 20.32
CA PHE A 178 -20.93 -23.16 20.27
C PHE A 178 -21.97 -23.62 19.25
N VAL A 179 -21.61 -24.40 18.22
CA VAL A 179 -22.66 -24.87 17.27
C VAL A 179 -22.47 -26.37 17.14
N PRO A 180 -22.93 -27.14 18.16
CA PRO A 180 -22.50 -28.58 18.22
C PRO A 180 -22.77 -29.42 16.96
N ASP A 181 -23.88 -29.15 16.29
CA ASP A 181 -24.30 -29.86 15.09
C ASP A 181 -23.56 -29.51 13.81
N TYR A 182 -22.79 -28.42 13.79
CA TYR A 182 -22.44 -27.77 12.51
C TYR A 182 -21.78 -28.72 11.56
N TYR A 183 -20.72 -29.37 12.00
CA TYR A 183 -19.95 -30.26 11.17
C TYR A 183 -20.61 -31.64 10.97
N LYS A 184 -21.74 -31.92 11.59
CA LYS A 184 -22.59 -33.04 11.15
C LYS A 184 -23.34 -32.69 9.84
N VAL A 185 -23.66 -31.41 9.60
CA VAL A 185 -24.33 -31.03 8.37
C VAL A 185 -23.36 -30.56 7.33
N ILE A 186 -22.38 -29.78 7.74
CA ILE A 186 -21.52 -29.16 6.78
C ILE A 186 -20.22 -29.94 6.63
N VAL A 187 -20.01 -30.44 5.42
CA VAL A 187 -18.90 -31.31 5.07
C VAL A 187 -17.71 -30.51 4.64
N ASN A 188 -17.93 -29.31 4.05
CA ASN A 188 -16.82 -28.50 3.53
C ASN A 188 -16.94 -27.09 4.07
N PRO A 189 -16.65 -26.95 5.36
CA PRO A 189 -16.69 -25.63 5.97
C PRO A 189 -15.74 -24.63 5.33
N MET A 190 -16.10 -23.36 5.36
CA MET A 190 -15.21 -22.31 4.86
C MET A 190 -15.47 -21.01 5.62
N ASP A 191 -14.41 -20.22 5.78
CA ASP A 191 -14.46 -18.95 6.52
C ASP A 191 -13.38 -18.03 5.99
N LEU A 192 -13.39 -16.78 6.42
CA LEU A 192 -12.48 -15.80 5.85
C LEU A 192 -11.06 -15.99 6.31
N GLU A 193 -10.85 -16.41 7.56
CA GLU A 193 -9.46 -16.70 8.00
C GLU A 193 -8.87 -17.82 7.14
N THR A 194 -9.65 -18.85 6.88
CA THR A 194 -9.11 -19.97 6.07
C THR A 194 -8.77 -19.48 4.67
N ILE A 195 -9.58 -18.55 4.13
CA ILE A 195 -9.30 -18.02 2.78
C ILE A 195 -7.97 -17.25 2.82
N ARG A 196 -7.77 -16.45 3.87
CA ARG A 196 -6.49 -15.74 4.02
C ARG A 196 -5.32 -16.71 4.12
N LYS A 197 -5.49 -17.82 4.85
CA LYS A 197 -4.37 -18.79 4.93
C LYS A 197 -4.14 -19.36 3.53
N ASN A 198 -5.21 -19.67 2.80
CA ASN A 198 -5.07 -20.08 1.43
C ASN A 198 -4.37 -19.05 0.60
N ILE A 199 -4.75 -17.77 0.75
CA ILE A 199 -4.08 -16.77 -0.03
C ILE A 199 -2.61 -16.70 0.30
N SER A 200 -2.24 -16.72 1.56
CA SER A 200 -0.83 -16.60 1.91
C SER A 200 -0.01 -17.76 1.33
N LYS A 201 -0.59 -18.96 1.15
CA LYS A 201 0.06 -20.15 0.52
C LYS A 201 -0.05 -20.06 -1.00
N HIS A 202 -0.65 -19.01 -1.52
CA HIS A 202 -0.86 -18.87 -2.98
C HIS A 202 -1.70 -20.00 -3.61
N LYS A 203 -2.75 -20.43 -2.93
CA LYS A 203 -3.60 -21.46 -3.47
C LYS A 203 -4.20 -20.95 -4.78
N TYR A 204 -4.52 -19.66 -4.87
CA TYR A 204 -5.39 -19.20 -5.93
C TYR A 204 -4.63 -18.59 -7.07
N GLN A 205 -4.77 -19.20 -8.26
CA GLN A 205 -4.12 -18.68 -9.48
C GLN A 205 -5.03 -17.85 -10.32
N SER A 206 -6.33 -17.84 -9.99
CA SER A 206 -7.36 -17.14 -10.77
C SER A 206 -8.47 -16.78 -9.83
N ARG A 207 -9.27 -15.82 -10.18
CA ARG A 207 -10.43 -15.49 -9.46
C ARG A 207 -11.43 -16.59 -9.22
N GLU A 208 -11.51 -17.50 -10.17
CA GLU A 208 -12.48 -18.57 -10.17
C GLU A 208 -12.25 -19.46 -8.95
N SER A 209 -11.02 -19.97 -8.71
CA SER A 209 -10.80 -20.83 -7.51
C SER A 209 -11.02 -20.00 -6.20
N PHE A 210 -10.64 -18.72 -6.21
CA PHE A 210 -10.92 -17.83 -5.05
C PHE A 210 -12.42 -17.74 -4.76
N LEU A 211 -13.14 -17.42 -5.84
CA LEU A 211 -14.61 -17.34 -5.79
C LEU A 211 -15.28 -18.66 -5.42
N ASP A 212 -14.75 -19.80 -5.84
CA ASP A 212 -15.32 -21.08 -5.36
C ASP A 212 -15.31 -21.17 -3.80
N ASP A 213 -14.21 -20.74 -3.18
CA ASP A 213 -14.14 -20.69 -1.69
C ASP A 213 -15.04 -19.60 -1.10
N VAL A 214 -15.08 -18.39 -1.71
CA VAL A 214 -15.95 -17.34 -1.14
C VAL A 214 -17.38 -17.78 -1.25
N ASN A 215 -17.76 -18.29 -2.42
CA ASN A 215 -19.17 -18.76 -2.61
C ASN A 215 -19.54 -19.90 -1.70
N LEU A 216 -18.53 -20.69 -1.34
CA LEU A 216 -18.81 -21.78 -0.38
C LEU A 216 -19.25 -21.27 1.01
N ILE A 217 -18.80 -20.10 1.38
CA ILE A 217 -19.23 -19.50 2.62
C ILE A 217 -20.76 -19.27 2.62
N LEU A 218 -21.26 -18.77 1.52
CA LEU A 218 -22.69 -18.48 1.39
C LEU A 218 -23.50 -19.76 1.26
N ALA A 219 -23.05 -20.63 0.38
CA ALA A 219 -23.69 -21.93 0.21
C ALA A 219 -23.80 -22.71 1.52
N ASN A 220 -22.74 -22.74 2.33
CA ASN A 220 -22.86 -23.39 3.66
C ASN A 220 -23.92 -22.71 4.52
N SER A 221 -24.00 -21.37 4.54
CA SER A 221 -25.03 -20.70 5.37
C SER A 221 -26.42 -21.02 4.85
N VAL A 222 -26.57 -21.07 3.55
CA VAL A 222 -27.87 -21.50 2.93
C VAL A 222 -28.17 -22.93 3.36
N LYS A 223 -27.20 -23.82 3.29
CA LYS A 223 -27.49 -25.19 3.64
C LYS A 223 -27.80 -25.31 5.10
N TYR A 224 -27.02 -24.66 5.98
CA TYR A 224 -27.15 -24.90 7.40
C TYR A 224 -28.30 -24.16 8.00
N ASN A 225 -28.46 -22.90 7.59
CA ASN A 225 -29.44 -22.01 8.21
C ASN A 225 -30.72 -21.80 7.43
N GLY A 226 -30.70 -22.02 6.11
CA GLY A 226 -31.77 -21.58 5.21
C GLY A 226 -31.57 -20.22 4.58
N PRO A 227 -32.39 -19.92 3.58
CA PRO A 227 -32.17 -18.67 2.83
C PRO A 227 -32.56 -17.40 3.54
N GLU A 228 -33.48 -17.49 4.49
CA GLU A 228 -34.02 -16.30 5.18
C GLU A 228 -33.25 -15.90 6.48
N SER A 229 -32.30 -16.72 6.93
CA SER A 229 -31.45 -16.45 8.10
C SER A 229 -30.58 -15.19 8.00
N GLN A 230 -30.39 -14.53 9.15
CA GLN A 230 -29.40 -13.42 9.24
C GLN A 230 -28.04 -13.82 8.80
N TYR A 231 -27.68 -15.07 9.09
CA TYR A 231 -26.37 -15.57 8.72
C TYR A 231 -26.22 -15.55 7.23
N THR A 232 -27.26 -15.97 6.54
CA THR A 232 -27.31 -15.98 5.10
C THR A 232 -27.29 -14.57 4.47
N LYS A 233 -28.04 -13.63 5.06
CA LYS A 233 -28.02 -12.22 4.58
C LYS A 233 -26.62 -11.66 4.76
N THR A 234 -25.96 -11.97 5.87
CA THR A 234 -24.60 -11.46 6.07
C THR A 234 -23.61 -12.07 5.07
N ALA A 235 -23.65 -13.39 4.91
CA ALA A 235 -22.79 -14.04 3.92
C ALA A 235 -23.05 -13.52 2.50
N GLN A 236 -24.33 -13.37 2.15
CA GLN A 236 -24.71 -12.74 0.86
C GLN A 236 -23.98 -11.38 0.67
N GLU A 237 -23.95 -10.55 1.71
CA GLU A 237 -23.24 -9.25 1.62
C GLU A 237 -21.75 -9.45 1.49
N ILE A 238 -21.21 -10.38 2.24
CA ILE A 238 -19.77 -10.71 2.03
C ILE A 238 -19.45 -11.07 0.58
N VAL A 239 -20.23 -11.99 0.04
CA VAL A 239 -20.05 -12.42 -1.35
C VAL A 239 -20.24 -11.18 -2.30
N ASN A 240 -21.29 -10.41 -2.05
CA ASN A 240 -21.55 -9.21 -2.90
C ASN A 240 -20.38 -8.24 -2.91
N VAL A 241 -19.73 -7.94 -1.77
CA VAL A 241 -18.64 -6.95 -1.81
C VAL A 241 -17.43 -7.51 -2.42
N CYS A 242 -17.26 -8.83 -2.23
CA CYS A 242 -16.21 -9.54 -2.93
C CYS A 242 -16.36 -9.36 -4.48
N TYR A 243 -17.52 -9.70 -5.05
CA TYR A 243 -17.74 -9.51 -6.52
C TYR A 243 -17.60 -8.05 -6.90
N GLN A 244 -18.22 -7.17 -6.11
CA GLN A 244 -18.17 -5.69 -6.41
C GLN A 244 -16.70 -5.26 -6.50
N THR A 245 -15.87 -5.76 -5.57
CA THR A 245 -14.47 -5.37 -5.53
C THR A 245 -13.63 -5.97 -6.66
N LEU A 246 -13.79 -7.26 -6.93
CA LEU A 246 -13.08 -7.82 -8.03
C LEU A 246 -13.44 -7.07 -9.37
N THR A 247 -14.68 -6.61 -9.49
CA THR A 247 -15.12 -5.83 -10.67
C THR A 247 -14.33 -4.54 -10.76
N GLU A 248 -14.29 -3.76 -9.69
CA GLU A 248 -13.42 -2.57 -9.62
C GLU A 248 -12.01 -2.87 -10.16
N TYR A 249 -11.41 -4.04 -9.86
CA TYR A 249 -10.00 -4.36 -10.24
C TYR A 249 -9.84 -5.25 -11.44
N ASP A 250 -10.89 -5.33 -12.26
CA ASP A 250 -10.95 -6.30 -13.35
C ASP A 250 -9.73 -6.27 -14.31
N GLU A 251 -9.39 -5.07 -14.78
CA GLU A 251 -8.28 -4.90 -15.73
C GLU A 251 -7.01 -5.47 -15.09
N HIS A 252 -6.60 -4.97 -13.92
CA HIS A 252 -5.34 -5.49 -13.33
C HIS A 252 -5.41 -7.03 -13.05
N LEU A 253 -6.49 -7.51 -12.49
CA LEU A 253 -6.57 -8.95 -12.17
C LEU A 253 -6.54 -9.80 -13.42
N THR A 254 -7.20 -9.31 -14.47
CA THR A 254 -7.21 -10.07 -15.76
C THR A 254 -5.79 -10.21 -16.28
N GLN A 255 -5.06 -9.10 -16.28
CA GLN A 255 -3.66 -9.10 -16.73
C GLN A 255 -2.82 -10.06 -15.89
N LEU A 256 -3.02 -10.03 -14.56
CA LEU A 256 -2.21 -10.88 -13.70
C LEU A 256 -2.55 -12.33 -13.88
N GLU A 257 -3.86 -12.62 -13.98
CA GLU A 257 -4.32 -13.98 -14.31
C GLU A 257 -3.63 -14.53 -15.58
N LYS A 258 -3.63 -13.69 -16.64
CA LYS A 258 -3.02 -14.06 -17.95
C LYS A 258 -1.53 -14.35 -17.76
N ASP A 259 -0.83 -13.50 -17.02
CA ASP A 259 0.63 -13.68 -16.83
C ASP A 259 1.02 -14.89 -15.93
N ILE A 260 0.21 -15.20 -14.93
CA ILE A 260 0.43 -16.39 -14.09
C ILE A 260 0.25 -17.65 -14.92
N CYS A 261 -0.75 -17.65 -15.81
CA CYS A 261 -1.00 -18.79 -16.74
C CYS A 261 0.14 -19.02 -17.75
N THR A 262 0.70 -17.95 -18.30
CA THR A 262 1.92 -18.01 -19.13
C THR A 262 3.10 -18.76 -18.40
N ALA A 263 3.56 -18.28 -17.25
CA ALA A 263 4.51 -19.07 -16.40
C ALA A 263 3.84 -20.25 -15.64
#